data_3HTN
#
_entry.id   3HTN
#
_cell.length_a   90.688
_cell.length_b   90.688
_cell.length_c   53.888
_cell.angle_alpha   90.00
_cell.angle_beta   90.00
_cell.angle_gamma   120.00
#
_symmetry.space_group_name_H-M   'P 32'
#
loop_
_entity.id
_entity.type
_entity.pdbx_description
1 polymer 'Putative DNA binding protein'
2 non-polymer 'NICKEL (II) ION'
3 non-polymer 'SULFATE ION'
4 non-polymer 'PENTAETHYLENE GLYCOL'
5 non-polymer 'FE (III) ION'
6 water water
#
_entity_poly.entity_id   1
_entity_poly.type   'polypeptide(L)'
_entity_poly.pdbx_seq_one_letter_code
;GAQNEKN(MSE)YSYKKIGNKYIVSINNHTEIVKALNAFCKEKGILSGSINGIGAIGELTLRFFNPKTKAYDDKTFREQ
(MSE)EISNLTGNISS(MSE)NEQVYLHLHITVGRSDYSALAGHLLSAIQNGAGEFVVEDYSERISRTYNPDLGLNIYDF
ER
;
_entity_poly.pdbx_strand_id   A,B,C
#
# COMPACT_ATOMS: atom_id res chain seq x y z
N ASN A 7 19.82 18.91 -7.92
CA ASN A 7 19.54 18.07 -6.73
C ASN A 7 18.03 17.89 -6.57
N TYR A 9 16.66 15.09 -4.36
CA TYR A 9 16.31 14.28 -3.20
C TYR A 9 17.50 14.11 -2.27
N SER A 10 17.21 13.69 -1.05
N SER A 10 17.18 13.67 -1.06
CA SER A 10 18.20 13.23 -0.08
CA SER A 10 18.12 13.23 -0.06
C SER A 10 17.73 11.84 0.33
C SER A 10 17.75 11.77 0.19
N TYR A 11 18.67 11.00 0.75
CA TYR A 11 18.36 9.62 1.07
C TYR A 11 19.21 9.04 2.19
N LYS A 12 18.75 7.91 2.72
CA LYS A 12 19.50 7.13 3.69
C LYS A 12 19.42 5.66 3.31
N LYS A 13 20.57 5.02 3.17
N LYS A 13 20.58 5.03 3.16
CA LYS A 13 20.61 3.60 2.86
CA LYS A 13 20.65 3.61 2.88
C LYS A 13 20.52 2.78 4.13
C LYS A 13 20.43 2.84 4.18
N ILE A 14 19.59 1.82 4.13
CA ILE A 14 19.41 0.91 5.28
C ILE A 14 19.28 -0.50 4.72
N GLY A 15 20.38 -1.23 4.70
CA GLY A 15 20.40 -2.56 4.16
C GLY A 15 20.04 -2.55 2.69
N ASN A 16 19.01 -3.32 2.33
CA ASN A 16 18.55 -3.46 0.96
C ASN A 16 17.54 -2.37 0.54
N LYS A 17 17.30 -1.40 1.43
CA LYS A 17 16.36 -0.33 1.19
C LYS A 17 17.02 1.03 1.27
N TYR A 18 16.32 2.00 0.70
CA TYR A 18 16.69 3.39 0.81
C TYR A 18 15.46 4.17 1.22
N ILE A 19 15.63 5.08 2.17
CA ILE A 19 14.60 6.01 2.54
C ILE A 19 14.90 7.24 1.72
N VAL A 20 13.97 7.62 0.86
CA VAL A 20 14.18 8.75 -0.04
C VAL A 20 13.24 9.88 0.31
N SER A 21 13.82 11.05 0.57
CA SER A 21 13.10 12.27 0.84
C SER A 21 13.24 13.19 -0.35
N ILE A 22 12.17 13.32 -1.11
CA ILE A 22 12.23 14.11 -2.33
C ILE A 22 12.16 15.59 -1.95
N ASN A 23 12.89 16.43 -2.70
CA ASN A 23 12.90 17.87 -2.46
C ASN A 23 11.52 18.45 -2.73
N ASN A 24 11.17 19.50 -2.02
CA ASN A 24 9.90 20.14 -2.26
C ASN A 24 9.89 20.75 -3.66
N HIS A 25 8.69 20.90 -4.20
CA HIS A 25 8.48 21.52 -5.52
C HIS A 25 9.15 20.77 -6.66
N THR A 26 9.34 19.47 -6.47
CA THR A 26 10.02 18.63 -7.43
C THR A 26 9.04 17.60 -7.96
N GLU A 27 9.17 17.25 -9.23
CA GLU A 27 8.32 16.25 -9.85
C GLU A 27 8.81 14.88 -9.39
N ILE A 28 7.93 14.17 -8.69
N ILE A 28 7.97 14.17 -8.64
CA ILE A 28 8.29 12.95 -7.95
CA ILE A 28 8.42 12.94 -7.94
C ILE A 28 8.73 11.78 -8.83
C ILE A 28 8.77 11.75 -8.85
N VAL A 29 8.08 11.61 -9.98
CA VAL A 29 8.37 10.49 -10.85
C VAL A 29 9.76 10.65 -11.47
N LYS A 30 10.06 11.86 -11.95
CA LYS A 30 11.38 12.20 -12.46
C LYS A 30 12.45 11.95 -11.38
N ALA A 31 12.17 12.40 -10.16
CA ALA A 31 13.10 12.23 -9.07
C ALA A 31 13.34 10.76 -8.74
N LEU A 32 12.27 9.98 -8.65
CA LEU A 32 12.44 8.55 -8.37
C LEU A 32 13.20 7.84 -9.46
N ASN A 33 12.92 8.18 -10.72
N ASN A 33 12.96 8.22 -10.70
CA ASN A 33 13.67 7.62 -11.84
CA ASN A 33 13.65 7.60 -11.82
C ASN A 33 15.15 7.91 -11.66
C ASN A 33 15.14 7.94 -11.77
N ALA A 34 15.46 9.17 -11.40
CA ALA A 34 16.84 9.63 -11.25
C ALA A 34 17.55 8.92 -10.08
N PHE A 35 16.82 8.71 -8.99
CA PHE A 35 17.36 7.99 -7.86
C PHE A 35 17.75 6.57 -8.22
N CYS A 36 16.84 5.84 -8.84
CA CYS A 36 17.07 4.47 -9.24
C CYS A 36 18.23 4.38 -10.22
N LYS A 37 18.28 5.33 -11.14
CA LYS A 37 19.38 5.38 -12.10
C LYS A 37 20.69 5.60 -11.36
N GLU A 38 20.74 6.59 -10.47
CA GLU A 38 21.95 6.89 -9.70
C GLU A 38 22.46 5.67 -8.93
N LYS A 39 21.54 4.92 -8.33
CA LYS A 39 21.88 3.77 -7.51
C LYS A 39 21.96 2.46 -8.27
N GLY A 40 21.74 2.51 -9.59
CA GLY A 40 21.84 1.32 -10.43
C GLY A 40 20.84 0.24 -10.06
N ILE A 41 19.64 0.64 -9.66
CA ILE A 41 18.66 -0.32 -9.18
C ILE A 41 18.02 -0.98 -10.40
N LEU A 42 18.16 -2.30 -10.49
CA LEU A 42 17.67 -3.05 -11.64
C LEU A 42 16.21 -3.44 -11.50
N SER A 43 15.82 -3.75 -10.27
CA SER A 43 14.44 -4.07 -9.94
C SER A 43 14.23 -3.83 -8.46
N GLY A 44 12.97 -3.70 -8.07
CA GLY A 44 12.67 -3.34 -6.71
C GLY A 44 11.27 -2.83 -6.56
N SER A 45 11.01 -2.19 -5.42
CA SER A 45 9.69 -1.65 -5.13
C SER A 45 9.81 -0.26 -4.59
N ILE A 46 8.74 0.51 -4.73
CA ILE A 46 8.69 1.86 -4.21
C ILE A 46 7.34 2.03 -3.54
N ASN A 47 7.33 2.62 -2.36
CA ASN A 47 6.14 2.85 -1.58
C ASN A 47 6.34 4.11 -0.78
N GLY A 48 5.31 4.94 -0.67
CA GLY A 48 5.39 6.06 0.22
C GLY A 48 4.23 7.00 0.25
N ILE A 49 4.46 8.15 0.88
CA ILE A 49 3.43 9.14 1.19
C ILE A 49 4.03 10.52 1.07
N GLY A 50 3.17 11.55 1.05
CA GLY A 50 3.62 12.90 0.90
C GLY A 50 2.43 13.77 0.49
N ALA A 51 2.73 14.99 0.08
CA ALA A 51 1.74 15.95 -0.36
C ALA A 51 2.21 16.61 -1.63
N ILE A 52 1.24 16.95 -2.48
CA ILE A 52 1.48 17.43 -3.83
C ILE A 52 0.53 18.56 -4.19
N GLY A 53 0.96 19.34 -5.18
CA GLY A 53 0.18 20.45 -5.74
C GLY A 53 -0.27 20.27 -7.17
N GLU A 54 0.14 19.17 -7.79
N GLU A 54 0.19 19.19 -7.82
CA GLU A 54 -0.24 18.84 -9.15
CA GLU A 54 -0.19 18.84 -9.17
C GLU A 54 -0.08 17.33 -9.33
C GLU A 54 -0.10 17.31 -9.29
N LEU A 55 -1.01 16.72 -10.06
CA LEU A 55 -1.01 15.28 -10.30
C LEU A 55 -1.46 14.99 -11.69
N THR A 56 -0.78 14.06 -12.37
CA THR A 56 -1.25 13.59 -13.65
C THR A 56 -1.42 12.07 -13.56
N LEU A 57 -2.63 11.60 -13.87
CA LEU A 57 -2.96 10.19 -13.95
C LEU A 57 -3.31 9.82 -15.37
N ARG A 58 -3.09 8.56 -15.74
CA ARG A 58 -3.47 8.02 -17.04
C ARG A 58 -4.52 6.95 -16.88
N PHE A 59 -5.56 7.02 -17.71
CA PHE A 59 -6.54 5.94 -17.81
C PHE A 59 -6.49 5.38 -19.24
N PHE A 60 -6.15 4.11 -19.34
CA PHE A 60 -6.03 3.39 -20.60
C PHE A 60 -7.28 2.56 -20.88
N ASN A 61 -7.84 2.72 -22.09
CA ASN A 61 -9.01 1.96 -22.50
C ASN A 61 -8.51 0.79 -23.32
N PRO A 62 -8.57 -0.43 -22.78
CA PRO A 62 -8.07 -1.60 -23.52
C PRO A 62 -8.86 -1.96 -24.74
N LYS A 63 -10.12 -1.57 -24.81
CA LYS A 63 -10.96 -1.92 -25.93
C LYS A 63 -10.61 -1.08 -27.16
N THR A 64 -10.48 0.23 -26.98
CA THR A 64 -10.21 1.12 -28.13
C THR A 64 -8.75 1.56 -28.27
N LYS A 65 -7.95 1.27 -27.25
N LYS A 65 -7.94 1.27 -27.25
CA LYS A 65 -6.57 1.71 -27.17
CA LYS A 65 -6.55 1.74 -27.12
C LYS A 65 -6.47 3.23 -27.09
C LYS A 65 -6.43 3.24 -26.91
N ALA A 66 -7.55 3.93 -26.77
CA ALA A 66 -7.49 5.34 -26.37
C ALA A 66 -6.92 5.41 -24.96
N TYR A 67 -6.30 6.53 -24.63
CA TYR A 67 -5.86 6.77 -23.29
C TYR A 67 -6.06 8.23 -22.96
N ASP A 68 -6.28 8.54 -21.70
CA ASP A 68 -6.36 9.93 -21.33
C ASP A 68 -5.54 10.20 -20.12
N ASP A 69 -4.96 11.39 -20.14
CA ASP A 69 -4.11 11.88 -19.10
C ASP A 69 -4.78 13.06 -18.44
N LYS A 70 -5.15 12.89 -17.17
CA LYS A 70 -5.83 13.97 -16.45
C LYS A 70 -4.91 14.60 -15.41
N THR A 71 -4.79 15.92 -15.48
CA THR A 71 -3.95 16.69 -14.59
C THR A 71 -4.84 17.47 -13.65
N PHE A 72 -4.63 17.23 -12.35
CA PHE A 72 -5.29 17.97 -11.29
C PHE A 72 -4.36 19.00 -10.75
N ARG A 73 -4.85 20.22 -10.53
CA ARG A 73 -4.06 21.34 -10.08
C ARG A 73 -4.68 21.90 -8.82
N GLU A 74 -4.30 21.28 -7.72
CA GLU A 74 -4.85 21.54 -6.40
C GLU A 74 -3.96 20.85 -5.37
N GLN A 75 -4.16 21.15 -4.11
CA GLN A 75 -3.40 20.54 -3.05
C GLN A 75 -4.00 19.15 -2.77
N GLU A 77 -3.12 15.16 -0.72
CA GLU A 77 -2.29 14.28 0.09
C GLU A 77 -2.12 12.96 -0.63
N ILE A 78 -0.91 12.44 -0.75
CA ILE A 78 -0.70 11.11 -1.27
C ILE A 78 -0.96 10.13 -0.15
N SER A 79 -2.08 9.41 -0.17
CA SER A 79 -2.34 8.44 0.90
C SER A 79 -1.53 7.17 0.67
N ASN A 80 -1.20 6.88 -0.58
CA ASN A 80 -0.36 5.75 -0.89
C ASN A 80 0.16 5.89 -2.29
N LEU A 81 1.45 5.74 -2.45
CA LEU A 81 2.07 5.60 -3.76
C LEU A 81 2.67 4.20 -3.70
N THR A 82 2.32 3.33 -4.67
N THR A 82 2.34 3.35 -4.68
N THR A 82 2.48 3.41 -4.73
CA THR A 82 2.75 1.92 -4.76
CA THR A 82 2.81 1.97 -4.77
CA THR A 82 3.07 2.11 -4.72
C THR A 82 3.33 1.67 -6.15
C THR A 82 3.33 1.67 -6.15
C THR A 82 3.31 1.62 -6.12
N GLY A 83 4.43 0.95 -6.24
CA GLY A 83 4.90 0.57 -7.53
C GLY A 83 6.12 -0.26 -7.52
N ASN A 84 6.59 -0.48 -8.73
CA ASN A 84 7.73 -1.37 -8.91
C ASN A 84 8.76 -0.82 -9.88
N ILE A 85 9.95 -1.42 -9.83
CA ILE A 85 11.08 -1.01 -10.60
C ILE A 85 11.50 -2.21 -11.40
N SER A 86 11.86 -1.96 -12.65
CA SER A 86 12.36 -2.99 -13.56
C SER A 86 13.23 -2.26 -14.57
N SER A 87 13.62 -2.91 -15.65
CA SER A 87 14.33 -2.24 -16.73
C SER A 87 13.64 -2.47 -18.07
N ASN A 89 14.54 -1.24 -22.38
CA ASN A 89 15.31 -0.47 -23.39
C ASN A 89 16.49 0.29 -22.78
N GLU A 90 17.31 -0.44 -22.02
CA GLU A 90 18.49 0.09 -21.36
C GLU A 90 18.24 1.23 -20.32
N GLN A 91 17.03 1.32 -19.78
CA GLN A 91 16.73 2.41 -18.88
C GLN A 91 15.91 1.86 -17.72
N VAL A 92 15.92 2.59 -16.61
CA VAL A 92 15.04 2.29 -15.49
C VAL A 92 13.61 2.38 -16.00
N TYR A 93 12.76 1.44 -15.57
CA TYR A 93 11.33 1.46 -15.89
C TYR A 93 10.57 1.43 -14.56
N LEU A 94 9.83 2.50 -14.29
CA LEU A 94 8.99 2.58 -13.12
C LEU A 94 7.54 2.38 -13.50
N HIS A 95 6.82 1.58 -12.72
CA HIS A 95 5.39 1.42 -12.87
C HIS A 95 4.80 1.76 -11.51
N LEU A 96 4.16 2.93 -11.44
CA LEU A 96 3.70 3.50 -10.19
C LEU A 96 2.23 3.83 -10.28
N HIS A 97 1.48 3.40 -9.29
CA HIS A 97 0.12 3.82 -9.10
C HIS A 97 0.00 4.63 -7.82
N ILE A 98 -1.11 5.34 -7.64
CA ILE A 98 -1.22 6.25 -6.55
C ILE A 98 -2.67 6.41 -6.15
N THR A 99 -2.85 6.77 -4.87
CA THR A 99 -4.09 7.12 -4.28
C THR A 99 -3.85 8.43 -3.58
N VAL A 100 -4.69 9.41 -3.87
CA VAL A 100 -4.61 10.72 -3.26
C VAL A 100 -5.93 11.15 -2.63
N GLY A 101 -5.83 12.01 -1.60
CA GLY A 101 -6.95 12.70 -0.99
C GLY A 101 -7.00 14.14 -1.40
N ARG A 102 -8.19 14.60 -1.69
CA ARG A 102 -8.45 16.01 -2.00
C ARG A 102 -8.80 16.76 -0.73
N SER A 103 -9.02 18.06 -0.84
CA SER A 103 -9.31 18.87 0.34
C SER A 103 -10.64 18.52 1.00
N ASP A 104 -11.52 17.82 0.28
CA ASP A 104 -12.78 17.33 0.85
C ASP A 104 -12.70 15.88 1.31
N TYR A 105 -11.48 15.34 1.28
CA TYR A 105 -11.12 13.99 1.76
C TYR A 105 -11.55 12.92 0.78
N SER A 106 -12.16 13.30 -0.35
CA SER A 106 -12.47 12.33 -1.37
C SER A 106 -11.18 11.83 -1.99
N ALA A 107 -11.18 10.57 -2.44
CA ALA A 107 -10.00 9.97 -2.98
C ALA A 107 -10.05 9.83 -4.50
N LEU A 108 -8.89 10.05 -5.12
CA LEU A 108 -8.66 9.76 -6.54
C LEU A 108 -7.60 8.66 -6.60
N ALA A 109 -7.63 7.87 -7.65
CA ALA A 109 -6.71 6.75 -7.77
C ALA A 109 -6.46 6.41 -9.22
N GLY A 110 -5.25 5.95 -9.48
CA GLY A 110 -4.91 5.50 -10.80
C GLY A 110 -3.45 5.33 -11.08
N HIS A 111 -3.12 5.20 -12.36
N HIS A 111 -3.14 5.19 -12.36
CA HIS A 111 -1.76 5.05 -12.84
CA HIS A 111 -1.79 5.04 -12.85
C HIS A 111 -1.11 6.42 -12.89
C HIS A 111 -1.12 6.41 -12.87
N LEU A 112 -0.01 6.55 -12.14
CA LEU A 112 0.69 7.81 -11.99
C LEU A 112 1.64 8.11 -13.12
N LEU A 113 1.48 9.28 -13.74
CA LEU A 113 2.46 9.80 -14.71
C LEU A 113 3.41 10.82 -14.11
N SER A 114 2.88 11.69 -13.27
N SER A 114 2.89 11.70 -13.27
CA SER A 114 3.69 12.72 -12.65
CA SER A 114 3.63 12.85 -12.77
C SER A 114 2.95 13.33 -11.49
C SER A 114 2.95 13.45 -11.56
N ALA A 115 3.72 13.96 -10.60
CA ALA A 115 3.17 14.67 -9.46
C ALA A 115 4.21 15.63 -8.95
N ILE A 116 3.82 16.86 -8.67
CA ILE A 116 4.74 17.89 -8.15
C ILE A 116 4.55 18.03 -6.65
N GLN A 117 5.59 17.72 -5.88
CA GLN A 117 5.54 17.82 -4.45
C GLN A 117 5.27 19.24 -3.97
N ASN A 118 4.46 19.32 -2.92
CA ASN A 118 4.18 20.57 -2.23
C ASN A 118 3.97 20.23 -0.76
N GLY A 119 5.09 20.05 -0.06
CA GLY A 119 5.13 19.56 1.31
C GLY A 119 6.24 18.53 1.37
N ALA A 120 5.97 17.38 1.99
CA ALA A 120 6.91 16.30 2.18
C ALA A 120 6.75 15.25 1.12
N GLY A 121 7.76 14.42 0.99
CA GLY A 121 7.77 13.31 0.05
C GLY A 121 8.68 12.22 0.57
N GLU A 122 8.07 11.17 1.13
CA GLU A 122 8.78 10.20 1.97
C GLU A 122 8.54 8.82 1.40
N PHE A 123 9.57 8.25 0.77
CA PHE A 123 9.43 7.01 0.02
C PHE A 123 10.45 5.99 0.44
N VAL A 124 10.05 4.73 0.42
CA VAL A 124 10.95 3.62 0.70
C VAL A 124 11.18 2.91 -0.63
N VAL A 125 12.44 2.81 -1.03
CA VAL A 125 12.83 2.14 -2.29
C VAL A 125 13.60 0.89 -1.90
N GLU A 126 13.08 -0.28 -2.23
CA GLU A 126 13.78 -1.53 -2.00
C GLU A 126 14.48 -1.94 -3.27
N ASP A 127 15.73 -2.35 -3.12
CA ASP A 127 16.57 -2.82 -4.22
C ASP A 127 16.63 -4.34 -4.15
N TYR A 128 16.12 -5.00 -5.19
CA TYR A 128 16.16 -6.46 -5.27
C TYR A 128 17.50 -7.01 -5.72
N SER A 129 18.38 -6.17 -6.29
CA SER A 129 19.67 -6.63 -6.79
C SER A 129 19.56 -7.73 -7.83
N GLU A 130 18.51 -7.72 -8.63
N GLU A 130 18.52 -7.68 -8.65
CA GLU A 130 18.28 -8.72 -9.67
CA GLU A 130 18.23 -8.70 -9.65
C GLU A 130 17.63 -8.04 -10.87
C GLU A 130 17.61 -8.04 -10.87
N ARG A 131 17.89 -8.57 -12.06
CA ARG A 131 17.31 -8.05 -13.29
C ARG A 131 15.86 -8.49 -13.43
N ILE A 132 14.98 -7.55 -13.79
CA ILE A 132 13.60 -7.87 -14.21
C ILE A 132 13.32 -6.92 -15.35
N SER A 133 13.04 -7.46 -16.53
CA SER A 133 12.80 -6.69 -17.73
C SER A 133 11.33 -6.75 -18.08
N ARG A 134 11.02 -6.17 -19.24
CA ARG A 134 9.68 -6.09 -19.74
C ARG A 134 9.66 -6.16 -21.23
N THR A 135 8.52 -6.58 -21.75
CA THR A 135 8.32 -6.67 -23.19
C THR A 135 6.99 -6.07 -23.52
N TYR A 136 6.97 -5.17 -24.49
CA TYR A 136 5.73 -4.56 -24.95
C TYR A 136 4.92 -5.61 -25.70
N ASN A 137 3.71 -5.84 -25.23
CA ASN A 137 2.76 -6.74 -25.86
C ASN A 137 1.94 -5.91 -26.83
N PRO A 138 2.15 -6.06 -28.15
CA PRO A 138 1.48 -5.20 -29.10
C PRO A 138 -0.02 -5.44 -29.19
N ASP A 139 -0.48 -6.61 -28.77
CA ASP A 139 -1.92 -6.88 -28.76
C ASP A 139 -2.62 -6.12 -27.64
N LEU A 140 -2.00 -6.01 -26.47
CA LEU A 140 -2.56 -5.23 -25.37
C LEU A 140 -2.19 -3.76 -25.41
N GLY A 141 -1.01 -3.44 -25.91
CA GLY A 141 -0.49 -2.08 -25.85
C GLY A 141 0.12 -1.74 -24.50
N LEU A 142 0.61 -2.77 -23.78
CA LEU A 142 1.18 -2.61 -22.46
C LEU A 142 2.55 -3.28 -22.34
N ASN A 143 3.36 -2.72 -21.45
CA ASN A 143 4.68 -3.26 -21.14
C ASN A 143 4.53 -4.26 -19.99
N ILE A 144 4.67 -5.53 -20.32
CA ILE A 144 4.40 -6.62 -19.38
C ILE A 144 5.68 -7.23 -18.86
N TYR A 145 5.73 -7.56 -17.57
CA TYR A 145 6.89 -8.23 -17.01
C TYR A 145 7.37 -9.36 -17.92
N ASP A 146 8.68 -9.43 -18.12
CA ASP A 146 9.30 -10.50 -18.89
C ASP A 146 10.47 -11.01 -18.04
N PHE A 147 10.28 -12.18 -17.45
CA PHE A 147 11.27 -12.74 -16.54
C PHE A 147 12.36 -13.51 -17.31
N GLU A 148 12.23 -13.64 -18.62
CA GLU A 148 13.20 -14.35 -19.46
C GLU A 148 14.26 -13.48 -20.10
N ARG A 149 13.88 -12.29 -20.57
CA ARG A 149 14.82 -11.50 -21.35
C ARG A 149 15.85 -10.79 -20.49
N ASN B 7 -3.33 -2.74 27.97
CA ASN B 7 -3.18 -3.65 26.79
C ASN B 7 -3.95 -3.16 25.56
N TYR B 9 -2.77 -4.33 22.12
CA TYR B 9 -2.43 -5.15 20.98
C TYR B 9 -1.75 -6.46 21.37
N SER B 10 -1.63 -7.34 20.39
N SER B 10 -1.63 -7.32 20.37
CA SER B 10 -0.83 -8.55 20.49
CA SER B 10 -0.85 -8.55 20.43
C SER B 10 0.03 -8.56 19.25
C SER B 10 0.10 -8.47 19.26
N TYR B 11 1.16 -9.26 19.31
CA TYR B 11 2.12 -9.24 18.21
C TYR B 11 2.93 -10.51 18.12
N LYS B 12 3.56 -10.65 16.96
CA LYS B 12 4.45 -11.74 16.67
C LYS B 12 5.64 -11.16 15.93
N LYS B 13 6.82 -11.43 16.44
CA LYS B 13 8.07 -10.98 15.84
C LYS B 13 8.51 -11.98 14.80
N ILE B 14 8.78 -11.51 13.59
CA ILE B 14 9.34 -12.34 12.53
C ILE B 14 10.53 -11.60 11.95
N GLY B 15 11.72 -11.96 12.42
CA GLY B 15 12.93 -11.31 11.97
C GLY B 15 12.87 -9.84 12.28
N ASN B 16 13.04 -9.02 11.25
CA ASN B 16 13.02 -7.55 11.35
C ASN B 16 11.62 -6.93 11.33
N LYS B 17 10.59 -7.76 11.34
CA LYS B 17 9.22 -7.30 11.26
C LYS B 17 8.44 -7.74 12.47
N TYR B 18 7.38 -7.01 12.76
CA TYR B 18 6.40 -7.39 13.75
C TYR B 18 5.03 -7.41 13.10
N ILE B 19 4.29 -8.47 13.32
CA ILE B 19 2.92 -8.55 12.87
C ILE B 19 2.12 -8.12 14.11
N VAL B 20 1.37 -7.02 13.99
CA VAL B 20 0.68 -6.42 15.11
C VAL B 20 -0.82 -6.51 14.90
N SER B 21 -1.51 -7.10 15.85
CA SER B 21 -2.94 -7.22 15.83
C SER B 21 -3.46 -6.31 16.92
N ILE B 22 -4.07 -5.21 16.52
CA ILE B 22 -4.55 -4.22 17.47
C ILE B 22 -5.85 -4.72 18.06
N ASN B 23 -6.07 -4.47 19.36
CA ASN B 23 -7.29 -4.89 20.01
C ASN B 23 -8.47 -4.18 19.44
N ASN B 24 -9.62 -4.85 19.42
CA ASN B 24 -10.83 -4.19 18.97
C ASN B 24 -11.16 -3.01 19.87
N HIS B 25 -11.87 -2.04 19.30
CA HIS B 25 -12.35 -0.85 20.02
C HIS B 25 -11.28 0.10 20.53
N THR B 26 -10.08 -0.03 19.99
CA THR B 26 -8.91 0.73 20.36
C THR B 26 -8.61 1.77 19.32
N GLU B 27 -7.99 2.87 19.75
CA GLU B 27 -7.58 3.91 18.84
C GLU B 27 -6.23 3.46 18.28
N ILE B 28 -6.20 3.28 16.98
N ILE B 28 -6.20 3.24 16.97
CA ILE B 28 -5.09 2.68 16.27
CA ILE B 28 -5.03 2.62 16.34
C ILE B 28 -3.80 3.49 16.29
C ILE B 28 -3.77 3.48 16.31
N VAL B 29 -3.89 4.80 16.17
CA VAL B 29 -2.69 5.66 16.18
C VAL B 29 -2.04 5.61 17.57
N LYS B 30 -2.84 5.76 18.61
CA LYS B 30 -2.33 5.62 19.96
C LYS B 30 -1.69 4.23 20.17
N ALA B 31 -2.35 3.17 19.69
CA ALA B 31 -1.81 1.81 19.81
C ALA B 31 -0.47 1.64 19.08
N LEU B 32 -0.40 2.13 17.85
CA LEU B 32 0.83 2.01 17.07
C LEU B 32 1.97 2.81 17.71
N ASN B 33 1.68 4.01 18.22
CA ASN B 33 2.68 4.79 18.94
C ASN B 33 3.12 4.01 20.18
N ALA B 34 2.17 3.40 20.89
CA ALA B 34 2.51 2.64 22.11
C ALA B 34 3.38 1.45 21.76
N PHE B 35 3.05 0.75 20.69
CA PHE B 35 3.85 -0.38 20.23
C PHE B 35 5.28 0.02 19.94
N CYS B 36 5.44 1.10 19.19
CA CYS B 36 6.78 1.57 18.83
C CYS B 36 7.60 2.02 20.05
N LYS B 37 6.95 2.67 21.00
CA LYS B 37 7.63 3.01 22.25
C LYS B 37 7.98 1.75 23.05
N GLU B 38 7.07 0.78 23.17
CA GLU B 38 7.35 -0.44 23.95
C GLU B 38 8.52 -1.24 23.41
N LYS B 39 8.62 -1.29 22.08
CA LYS B 39 9.65 -2.06 21.38
C LYS B 39 10.88 -1.25 21.08
N GLY B 40 10.85 0.02 21.45
CA GLY B 40 12.00 0.88 21.21
C GLY B 40 12.39 1.01 19.76
N ILE B 41 11.40 1.12 18.87
CA ILE B 41 11.70 1.16 17.45
C ILE B 41 12.16 2.56 17.08
N LEU B 42 13.36 2.64 16.48
CA LEU B 42 13.94 3.90 16.08
C LEU B 42 13.36 4.46 14.78
N SER B 43 13.20 3.56 13.80
CA SER B 43 12.63 3.91 12.53
C SER B 43 12.14 2.63 11.87
N GLY B 44 11.34 2.83 10.85
CA GLY B 44 10.67 1.73 10.20
C GLY B 44 9.46 2.15 9.41
N SER B 45 8.70 1.14 9.02
CA SER B 45 7.51 1.34 8.24
C SER B 45 6.34 0.64 8.88
N ILE B 46 5.15 1.15 8.61
CA ILE B 46 3.92 0.55 9.09
C ILE B 46 2.99 0.43 7.90
N ASN B 47 2.40 -0.74 7.74
CA ASN B 47 1.43 -0.98 6.66
C ASN B 47 0.39 -1.93 7.15
N GLY B 48 -0.87 -1.68 6.84
CA GLY B 48 -1.88 -2.70 7.14
C GLY B 48 -3.28 -2.37 6.77
N ILE B 49 -4.19 -3.17 7.30
CA ILE B 49 -5.60 -3.15 6.92
C ILE B 49 -6.44 -3.46 8.18
N GLY B 50 -7.73 -3.24 8.10
CA GLY B 50 -8.63 -3.48 9.22
C GLY B 50 -9.92 -2.74 9.01
N ALA B 51 -10.77 -2.72 10.03
CA ALA B 51 -12.06 -2.08 9.98
C ALA B 51 -12.18 -1.16 11.16
N ILE B 52 -12.87 -0.04 10.94
CA ILE B 52 -12.98 1.03 11.90
C ILE B 52 -14.39 1.60 11.98
N GLY B 53 -14.69 2.29 13.10
CA GLY B 53 -15.98 2.95 13.32
C GLY B 53 -15.93 4.47 13.47
N GLU B 54 -14.72 5.02 13.44
CA GLU B 54 -14.45 6.45 13.58
C GLU B 54 -13.09 6.71 12.93
N LEU B 55 -12.98 7.84 12.23
CA LEU B 55 -11.77 8.23 11.54
C LEU B 55 -11.64 9.73 11.59
N THR B 56 -10.46 10.22 11.95
CA THR B 56 -10.15 11.65 11.87
C THR B 56 -8.98 11.86 10.92
N LEU B 57 -9.24 12.65 9.87
CA LEU B 57 -8.26 12.99 8.84
C LEU B 57 -7.92 14.46 8.95
N ARG B 58 -6.69 14.83 8.54
CA ARG B 58 -6.26 16.21 8.53
C ARG B 58 -5.87 16.60 7.12
N PHE B 59 -6.24 17.82 6.75
CA PHE B 59 -5.84 18.39 5.48
C PHE B 59 -5.11 19.69 5.75
N PHE B 60 -3.83 19.66 5.40
CA PHE B 60 -2.92 20.77 5.61
C PHE B 60 -2.90 21.64 4.39
N ASN B 61 -3.23 22.90 4.63
CA ASN B 61 -3.21 23.96 3.64
C ASN B 61 -1.83 24.64 3.73
N PRO B 62 -0.98 24.48 2.69
CA PRO B 62 0.32 25.14 2.74
C PRO B 62 0.28 26.68 2.71
N LYS B 63 -0.83 27.26 2.27
CA LYS B 63 -1.06 28.72 2.34
C LYS B 63 -2.05 29.05 3.46
N ASP B 68 -7.22 21.66 8.40
CA ASP B 68 -8.57 21.34 8.73
C ASP B 68 -8.63 19.84 9.01
N ASP B 69 -9.30 19.50 10.10
CA ASP B 69 -9.56 18.13 10.50
C ASP B 69 -11.01 17.82 10.29
N LYS B 70 -11.30 16.57 9.97
CA LYS B 70 -12.67 16.12 9.87
C LYS B 70 -12.76 14.72 10.42
N THR B 71 -13.83 14.48 11.19
CA THR B 71 -14.09 13.19 11.75
C THR B 71 -15.31 12.56 11.09
N PHE B 72 -15.13 11.32 10.65
CA PHE B 72 -16.17 10.49 10.05
C PHE B 72 -16.56 9.45 11.10
N ARG B 73 -17.87 9.25 11.25
N ARG B 73 -17.87 9.27 11.31
CA ARG B 73 -18.47 8.49 12.33
CA ARG B 73 -18.38 8.39 12.35
C ARG B 73 -19.42 7.44 11.71
C ARG B 73 -19.39 7.44 11.72
N GLU B 74 -18.84 6.31 11.29
CA GLU B 74 -19.55 5.32 10.51
C GLU B 74 -18.63 4.12 10.33
N GLN B 75 -19.16 3.01 9.87
CA GLN B 75 -18.33 1.85 9.67
C GLN B 75 -17.53 2.03 8.36
N GLU B 77 -13.89 0.37 6.07
CA GLU B 77 -12.79 -0.57 5.92
C GLU B 77 -11.52 0.18 5.58
N ILE B 78 -10.43 -0.11 6.29
CA ILE B 78 -9.16 0.49 5.97
C ILE B 78 -8.59 -0.30 4.79
N SER B 79 -8.60 0.29 3.60
CA SER B 79 -8.05 -0.43 2.45
C SER B 79 -6.53 -0.40 2.44
N ASN B 80 -5.94 0.64 3.00
CA ASN B 80 -4.54 0.73 3.19
C ASN B 80 -4.22 1.77 4.24
N LEU B 81 -3.30 1.44 5.13
CA LEU B 81 -2.70 2.39 6.07
C LEU B 81 -1.24 2.29 5.78
N THR B 82 -0.61 3.42 5.39
N THR B 82 -0.59 3.41 5.51
CA THR B 82 0.81 3.50 4.98
CA THR B 82 0.82 3.34 5.25
C THR B 82 1.51 4.55 5.85
C THR B 82 1.52 4.54 5.83
N GLY B 83 2.64 4.25 6.44
CA GLY B 83 3.36 5.26 7.13
C GLY B 83 4.74 4.86 7.51
N ASN B 84 5.36 5.77 8.22
CA ASN B 84 6.72 5.54 8.63
C ASN B 84 6.93 5.96 10.07
N ILE B 85 8.06 5.49 10.61
CA ILE B 85 8.47 5.72 11.98
C ILE B 85 9.83 6.39 11.95
N SER B 86 10.03 7.38 12.80
CA SER B 86 11.29 8.12 12.97
C SER B 86 11.27 8.67 14.39
N SER B 87 12.12 9.66 14.68
CA SER B 87 12.12 10.26 16.01
C SER B 87 12.42 11.72 15.91
N ASN B 89 14.06 14.35 18.92
CA ASN B 89 14.49 14.43 20.31
C ASN B 89 14.25 13.10 21.04
N GLU B 90 14.57 12.02 20.34
CA GLU B 90 14.41 10.62 20.79
C GLU B 90 12.98 10.11 20.96
N GLN B 91 11.99 10.96 20.68
CA GLN B 91 10.59 10.59 20.85
C GLN B 91 10.06 10.01 19.57
N VAL B 92 9.37 8.87 19.69
CA VAL B 92 8.76 8.22 18.54
C VAL B 92 7.93 9.22 17.74
N TYR B 93 8.09 9.20 16.42
CA TYR B 93 7.35 10.07 15.51
C TYR B 93 6.76 9.22 14.43
N LEU B 94 5.43 9.11 14.39
N LEU B 94 5.44 9.18 14.39
CA LEU B 94 4.74 8.30 13.39
CA LEU B 94 4.73 8.46 13.35
C LEU B 94 4.04 9.22 12.40
C LEU B 94 4.21 9.45 12.35
N HIS B 95 4.33 9.07 11.10
CA HIS B 95 3.69 9.79 10.03
C HIS B 95 2.85 8.76 9.26
N LEU B 96 1.53 8.82 9.40
CA LEU B 96 0.64 7.82 8.87
C LEU B 96 -0.43 8.45 7.98
N HIS B 97 -0.60 7.88 6.81
CA HIS B 97 -1.69 8.22 5.88
C HIS B 97 -2.57 6.99 5.75
N ILE B 98 -3.77 7.18 5.21
CA ILE B 98 -4.76 6.14 5.18
C ILE B 98 -5.70 6.32 4.02
N THR B 99 -6.21 5.20 3.54
CA THR B 99 -7.29 5.15 2.55
C THR B 99 -8.35 4.23 3.14
N VAL B 100 -9.60 4.66 3.17
CA VAL B 100 -10.68 3.88 3.69
C VAL B 100 -11.82 3.77 2.66
N GLY B 101 -12.63 2.72 2.80
CA GLY B 101 -13.86 2.56 2.04
C GLY B 101 -15.07 2.67 2.95
N ARG B 102 -16.08 3.35 2.45
CA ARG B 102 -17.33 3.57 3.15
C ARG B 102 -18.33 2.49 2.78
N SER B 103 -19.53 2.52 3.37
CA SER B 103 -20.53 1.53 3.09
C SER B 103 -21.04 1.58 1.67
N ASP B 104 -20.81 2.69 0.95
CA ASP B 104 -21.13 2.77 -0.49
C ASP B 104 -19.91 2.51 -1.37
N TYR B 105 -18.85 2.03 -0.74
CA TYR B 105 -17.60 1.64 -1.39
C TYR B 105 -16.77 2.81 -1.88
N SER B 106 -17.24 4.04 -1.74
CA SER B 106 -16.42 5.18 -2.06
C SER B 106 -15.27 5.28 -1.09
N ALA B 107 -14.16 5.84 -1.56
CA ALA B 107 -12.95 5.95 -0.77
C ALA B 107 -12.73 7.35 -0.27
N LEU B 108 -12.23 7.43 0.97
CA LEU B 108 -11.71 8.64 1.58
C LEU B 108 -10.22 8.44 1.79
N ALA B 109 -9.44 9.50 1.74
CA ALA B 109 -7.99 9.38 1.89
C ALA B 109 -7.39 10.62 2.47
N GLY B 110 -6.34 10.45 3.24
CA GLY B 110 -5.62 11.59 3.75
C GLY B 110 -4.64 11.28 4.84
N HIS B 111 -4.19 12.33 5.49
N HIS B 111 -4.22 12.32 5.53
CA HIS B 111 -3.31 12.22 6.65
CA HIS B 111 -3.28 12.19 6.65
C HIS B 111 -4.15 11.72 7.81
C HIS B 111 -4.04 11.82 7.91
N LEU B 112 -3.68 10.66 8.45
CA LEU B 112 -4.38 10.05 9.61
C LEU B 112 -4.02 10.67 10.94
N LEU B 113 -4.99 11.21 11.64
N LEU B 113 -5.06 11.08 11.67
CA LEU B 113 -4.75 11.69 13.01
CA LEU B 113 -4.96 11.53 13.06
C LEU B 113 -5.01 10.55 14.00
C LEU B 113 -5.51 10.48 14.06
N SER B 114 -6.18 9.90 13.79
N SER B 114 -6.68 9.87 13.81
CA SER B 114 -6.76 8.84 14.65
CA SER B 114 -7.18 8.95 14.76
C SER B 114 -7.87 7.99 13.99
C SER B 114 -8.07 8.01 14.03
N ALA B 115 -8.12 6.78 14.51
CA ALA B 115 -9.14 5.89 14.01
C ALA B 115 -9.45 4.87 15.07
N ILE B 116 -10.72 4.55 15.26
CA ILE B 116 -11.16 3.56 16.26
C ILE B 116 -11.50 2.26 15.58
N GLN B 117 -10.80 1.18 15.96
CA GLN B 117 -11.02 -0.12 15.37
C GLN B 117 -12.40 -0.65 15.73
N ASN B 118 -13.07 -1.28 14.77
CA ASN B 118 -14.35 -1.96 14.93
C ASN B 118 -14.33 -3.18 14.00
N GLY B 119 -13.59 -4.18 14.43
CA GLY B 119 -13.30 -5.39 13.68
C GLY B 119 -11.86 -5.76 13.92
N ALA B 120 -11.15 -6.09 12.84
CA ALA B 120 -9.75 -6.48 12.89
C ALA B 120 -8.85 -5.28 12.65
N GLY B 121 -7.58 -5.45 12.98
CA GLY B 121 -6.55 -4.42 12.81
C GLY B 121 -5.26 -5.17 12.68
N GLU B 122 -4.79 -5.29 11.45
CA GLU B 122 -3.69 -6.19 11.09
C GLU B 122 -2.62 -5.37 10.42
N PHE B 123 -1.52 -5.15 11.14
CA PHE B 123 -0.45 -4.26 10.68
C PHE B 123 0.91 -4.91 10.72
N VAL B 124 1.73 -4.59 9.74
CA VAL B 124 3.10 -5.06 9.67
C VAL B 124 3.99 -3.86 9.98
N VAL B 125 4.82 -3.99 11.00
CA VAL B 125 5.73 -2.94 11.40
C VAL B 125 7.13 -3.46 11.12
N GLU B 126 7.84 -2.83 10.20
CA GLU B 126 9.21 -3.19 9.91
C GLU B 126 10.10 -2.29 10.74
N ASP B 127 11.03 -2.89 11.47
CA ASP B 127 12.00 -2.19 12.31
C ASP B 127 13.31 -2.08 11.55
N TYR B 128 13.73 -0.86 11.25
CA TYR B 128 15.00 -0.64 10.54
C TYR B 128 16.23 -0.65 11.46
N SER B 129 16.05 -0.56 12.78
CA SER B 129 17.17 -0.55 13.73
C SER B 129 18.19 0.58 13.48
N GLU B 130 17.70 1.71 13.02
CA GLU B 130 18.51 2.88 12.69
C GLU B 130 17.82 4.15 13.13
N ARG B 131 18.56 5.04 13.73
CA ARG B 131 18.07 6.35 14.06
C ARG B 131 17.82 7.17 12.78
N ILE B 132 16.63 7.76 12.67
CA ILE B 132 16.24 8.67 11.59
C ILE B 132 15.50 9.82 12.26
N SER B 133 16.03 11.02 12.13
N SER B 133 16.05 11.02 12.14
CA SER B 133 15.45 12.19 12.76
CA SER B 133 15.48 12.20 12.76
C SER B 133 14.79 13.09 11.73
C SER B 133 14.83 13.11 11.74
N ARG B 134 14.08 14.09 12.26
CA ARG B 134 13.45 15.13 11.46
C ARG B 134 13.78 16.49 12.03
N THR B 135 13.64 17.50 11.21
CA THR B 135 13.87 18.90 11.63
C THR B 135 12.67 19.71 11.19
N TYR B 136 12.13 20.49 12.13
CA TYR B 136 11.03 21.38 11.84
C TYR B 136 11.50 22.45 10.86
N ASN B 137 10.78 22.58 9.76
CA ASN B 137 11.05 23.62 8.79
C ASN B 137 10.02 24.70 9.01
N PRO B 138 10.44 25.85 9.56
CA PRO B 138 9.47 26.91 9.87
C PRO B 138 8.87 27.60 8.65
N ASP B 139 9.54 27.55 7.50
CA ASP B 139 8.95 28.07 6.26
C ASP B 139 7.73 27.25 5.84
N LEU B 140 7.78 25.94 6.03
CA LEU B 140 6.65 25.08 5.68
C LEU B 140 5.71 24.77 6.80
N GLY B 141 6.17 24.81 8.05
CA GLY B 141 5.37 24.36 9.17
C GLY B 141 5.27 22.85 9.28
N LEU B 142 6.29 22.16 8.77
CA LEU B 142 6.34 20.72 8.71
C LEU B 142 7.66 20.15 9.23
N ASN B 143 7.60 18.94 9.77
CA ASN B 143 8.78 18.22 10.28
C ASN B 143 9.26 17.34 9.15
N ILE B 144 10.42 17.69 8.62
CA ILE B 144 10.94 17.06 7.41
C ILE B 144 12.11 16.17 7.78
N TYR B 145 12.23 15.02 7.13
CA TYR B 145 13.37 14.12 7.37
C TYR B 145 14.70 14.89 7.28
N ASP B 146 15.60 14.61 8.21
CA ASP B 146 16.91 15.24 8.26
C ASP B 146 17.90 14.10 8.53
N PHE B 147 18.45 13.56 7.45
CA PHE B 147 19.30 12.39 7.56
C PHE B 147 20.70 12.70 8.08
N GLU B 148 21.08 13.98 8.11
CA GLU B 148 22.40 14.37 8.61
C GLU B 148 22.43 14.69 10.11
N ARG B 149 21.29 14.90 10.75
CA ARG B 149 21.33 15.24 12.16
C ARG B 149 21.35 13.97 13.01
N ASN C 7 -2.53 -22.95 -15.44
CA ASN C 7 -1.55 -21.83 -15.41
C ASN C 7 -2.26 -20.49 -15.27
N TYR C 9 -0.54 -17.76 -13.59
CA TYR C 9 0.49 -16.76 -13.35
C TYR C 9 1.87 -17.23 -13.76
N SER C 10 2.79 -16.29 -13.81
N SER C 10 2.78 -16.26 -13.81
CA SER C 10 4.22 -16.58 -13.89
CA SER C 10 4.22 -16.47 -13.95
C SER C 10 4.86 -15.80 -12.76
C SER C 10 4.84 -15.82 -12.73
N TYR C 11 6.08 -16.16 -12.41
CA TYR C 11 6.71 -15.55 -11.26
C TYR C 11 8.21 -15.68 -11.29
N LYS C 12 8.84 -14.86 -10.46
CA LYS C 12 10.28 -14.87 -10.24
C LYS C 12 10.51 -14.82 -8.75
N LYS C 13 11.31 -15.73 -8.24
CA LYS C 13 11.67 -15.78 -6.83
C LYS C 13 12.92 -14.94 -6.62
N ILE C 14 12.87 -14.01 -5.67
CA ILE C 14 14.05 -13.22 -5.30
C ILE C 14 14.13 -13.27 -3.78
N GLY C 15 14.98 -14.16 -3.28
CA GLY C 15 15.13 -14.32 -1.86
C GLY C 15 13.82 -14.75 -1.24
N ASN C 16 13.34 -13.94 -0.29
CA ASN C 16 12.13 -14.22 0.47
C ASN C 16 10.86 -13.70 -0.19
N LYS C 17 10.99 -13.19 -1.40
CA LYS C 17 9.87 -12.63 -2.13
C LYS C 17 9.68 -13.32 -3.46
N TYR C 18 8.44 -13.29 -3.92
CA TYR C 18 8.07 -13.72 -5.24
C TYR C 18 7.44 -12.54 -5.96
N ILE C 19 7.92 -12.25 -7.16
CA ILE C 19 7.35 -11.24 -8.02
C ILE C 19 6.41 -12.05 -8.90
N VAL C 20 5.11 -11.79 -8.76
CA VAL C 20 4.07 -12.58 -9.41
C VAL C 20 3.37 -11.75 -10.45
N SER C 21 3.38 -12.23 -11.68
CA SER C 21 2.70 -11.63 -12.80
C SER C 21 1.49 -12.52 -13.14
N ILE C 22 0.30 -12.05 -12.78
CA ILE C 22 -0.90 -12.85 -12.98
C ILE C 22 -1.28 -12.79 -14.46
N ASN C 23 -1.81 -13.88 -15.00
CA ASN C 23 -2.16 -13.91 -16.41
C ASN C 23 -3.36 -13.00 -16.63
N ASN C 24 -3.46 -12.46 -17.84
CA ASN C 24 -4.59 -11.64 -18.16
C ASN C 24 -5.89 -12.45 -18.12
N HIS C 25 -7.00 -11.75 -17.90
CA HIS C 25 -8.35 -12.36 -17.90
C HIS C 25 -8.54 -13.43 -16.81
N THR C 26 -7.74 -13.36 -15.76
CA THR C 26 -7.74 -14.30 -14.65
C THR C 26 -8.26 -13.62 -13.39
N GLU C 27 -8.98 -14.39 -12.58
CA GLU C 27 -9.50 -13.88 -11.32
C GLU C 27 -8.32 -13.89 -10.32
N ILE C 28 -7.96 -12.70 -9.87
N ILE C 28 -7.94 -12.70 -9.86
CA ILE C 28 -6.76 -12.46 -9.11
CA ILE C 28 -6.69 -12.52 -9.12
C ILE C 28 -6.74 -13.13 -7.76
C ILE C 28 -6.71 -13.09 -7.71
N VAL C 29 -7.88 -13.14 -7.08
CA VAL C 29 -7.95 -13.72 -5.73
C VAL C 29 -7.74 -15.24 -5.81
N LYS C 30 -8.43 -15.89 -6.74
N LYS C 30 -8.41 -15.93 -6.74
CA LYS C 30 -8.24 -17.30 -7.05
CA LYS C 30 -8.17 -17.36 -6.91
C LYS C 30 -6.77 -17.58 -7.33
C LYS C 30 -6.73 -17.60 -7.33
N ALA C 31 -6.16 -16.76 -8.19
CA ALA C 31 -4.77 -16.93 -8.60
C ALA C 31 -3.79 -16.76 -7.45
N LEU C 32 -4.02 -15.77 -6.60
CA LEU C 32 -3.13 -15.53 -5.45
C LEU C 32 -3.25 -16.67 -4.46
N ASN C 33 -4.47 -17.15 -4.23
CA ASN C 33 -4.66 -18.31 -3.38
C ASN C 33 -3.93 -19.52 -3.95
N ALA C 34 -4.08 -19.73 -5.26
CA ALA C 34 -3.42 -20.85 -5.95
C ALA C 34 -1.91 -20.73 -5.78
N PHE C 35 -1.39 -19.53 -5.96
CA PHE C 35 0.05 -19.32 -5.85
C PHE C 35 0.55 -19.68 -4.46
N CYS C 36 -0.13 -19.22 -3.43
CA CYS C 36 0.26 -19.52 -2.08
C CYS C 36 0.16 -21.02 -1.77
N LYS C 37 -0.86 -21.68 -2.31
CA LYS C 37 -1.00 -23.12 -2.13
C LYS C 37 0.13 -23.87 -2.88
N GLU C 38 0.43 -23.45 -4.10
N GLU C 38 0.42 -23.44 -4.11
CA GLU C 38 1.46 -24.14 -4.88
CA GLU C 38 1.49 -24.05 -4.93
C GLU C 38 2.89 -23.92 -4.38
C GLU C 38 2.87 -23.94 -4.30
N LYS C 39 3.17 -22.78 -3.72
CA LYS C 39 4.46 -22.53 -3.10
C LYS C 39 4.48 -22.88 -1.62
N GLY C 40 3.36 -23.34 -1.06
CA GLY C 40 3.31 -23.72 0.34
C GLY C 40 3.64 -22.59 1.30
N ILE C 41 3.12 -21.40 1.02
CA ILE C 41 3.47 -20.23 1.82
C ILE C 41 2.62 -20.26 3.08
N LEU C 42 3.31 -20.24 4.21
CA LEU C 42 2.66 -20.30 5.52
C LEU C 42 2.01 -18.97 5.92
N SER C 43 2.76 -17.89 5.73
CA SER C 43 2.35 -16.55 6.09
C SER C 43 3.20 -15.60 5.32
N GLY C 44 2.73 -14.36 5.24
CA GLY C 44 3.40 -13.37 4.44
C GLY C 44 2.49 -12.22 4.11
N SER C 45 2.95 -11.42 3.17
CA SER C 45 2.22 -10.24 2.70
C SER C 45 2.07 -10.29 1.20
N ILE C 46 1.06 -9.57 0.71
CA ILE C 46 0.81 -9.44 -0.71
C ILE C 46 0.54 -7.96 -0.97
N ASN C 47 1.22 -7.44 -1.98
N ASN C 47 1.22 -7.42 -1.98
CA ASN C 47 1.04 -6.05 -2.37
CA ASN C 47 0.90 -6.06 -2.39
C ASN C 47 1.08 -5.99 -3.88
C ASN C 47 1.24 -5.82 -3.85
N GLY C 48 0.36 -5.06 -4.50
CA GLY C 48 0.53 -4.87 -5.92
C GLY C 48 -0.46 -3.97 -6.60
N ILE C 49 -0.33 -3.95 -7.93
CA ILE C 49 -1.04 -3.06 -8.80
C ILE C 49 -1.39 -3.79 -10.06
N GLY C 50 -2.27 -3.21 -10.83
CA GLY C 50 -2.71 -3.79 -12.08
C GLY C 50 -3.99 -3.19 -12.55
N ALA C 51 -4.61 -3.80 -13.56
CA ALA C 51 -5.88 -3.31 -14.12
C ALA C 51 -6.84 -4.45 -14.23
N ILE C 52 -8.11 -4.12 -14.02
CA ILE C 52 -9.20 -5.10 -13.92
C ILE C 52 -10.43 -4.64 -14.69
N GLY C 53 -11.25 -5.62 -15.07
CA GLY C 53 -12.53 -5.38 -15.71
C GLY C 53 -13.75 -5.78 -14.90
N GLU C 54 -13.55 -6.31 -13.69
N GLU C 54 -13.52 -6.31 -13.69
CA GLU C 54 -14.60 -6.70 -12.79
CA GLU C 54 -14.58 -6.67 -12.78
C GLU C 54 -14.00 -6.71 -11.37
C GLU C 54 -13.98 -6.68 -11.37
N LEU C 55 -14.79 -6.29 -10.38
CA LEU C 55 -14.36 -6.22 -8.99
C LEU C 55 -15.52 -6.54 -8.10
N THR C 56 -15.28 -7.35 -7.08
CA THR C 56 -16.28 -7.59 -6.05
C THR C 56 -15.71 -7.25 -4.69
N LEU C 57 -16.37 -6.34 -3.97
CA LEU C 57 -15.99 -5.93 -2.65
C LEU C 57 -17.06 -6.35 -1.66
N ARG C 58 -16.65 -6.63 -0.42
CA ARG C 58 -17.59 -6.95 0.63
C ARG C 58 -17.59 -5.88 1.69
N PHE C 59 -18.78 -5.47 2.12
CA PHE C 59 -18.93 -4.52 3.20
C PHE C 59 -19.71 -5.23 4.31
N PHE C 60 -19.05 -5.39 5.44
CA PHE C 60 -19.59 -6.13 6.60
C PHE C 60 -20.07 -5.17 7.66
N ASN C 61 -21.29 -5.40 8.14
CA ASN C 61 -21.90 -4.58 9.19
C ASN C 61 -21.78 -5.34 10.50
N PRO C 62 -20.85 -4.92 11.38
CA PRO C 62 -20.68 -5.67 12.63
C PRO C 62 -21.89 -5.64 13.56
N LYS C 63 -22.76 -4.64 13.44
CA LYS C 63 -23.92 -4.56 14.34
C LYS C 63 -24.91 -5.66 14.04
N THR C 64 -25.27 -5.79 12.77
CA THR C 64 -26.32 -6.74 12.38
C THR C 64 -25.77 -8.06 11.83
N LYS C 65 -24.48 -8.09 11.49
CA LYS C 65 -23.81 -9.20 10.84
C LYS C 65 -24.25 -9.37 9.39
N ALA C 66 -24.97 -8.40 8.82
CA ALA C 66 -25.25 -8.37 7.41
C ALA C 66 -23.98 -8.06 6.64
N TYR C 67 -23.90 -8.57 5.43
CA TYR C 67 -22.76 -8.28 4.59
C TYR C 67 -23.25 -8.06 3.17
N ASP C 68 -22.60 -7.13 2.50
CA ASP C 68 -23.03 -6.66 1.17
C ASP C 68 -21.88 -6.92 0.22
N ASP C 69 -22.11 -7.65 -0.86
CA ASP C 69 -21.08 -7.96 -1.85
C ASP C 69 -21.44 -7.21 -3.11
N LYS C 70 -20.64 -6.20 -3.47
CA LYS C 70 -20.95 -5.40 -4.65
C LYS C 70 -19.94 -5.70 -5.75
N THR C 71 -20.47 -5.98 -6.94
CA THR C 71 -19.72 -6.28 -8.16
C THR C 71 -19.84 -5.13 -9.14
N PHE C 72 -18.68 -4.58 -9.50
CA PHE C 72 -18.51 -3.52 -10.47
C PHE C 72 -18.03 -4.17 -11.78
N ARG C 73 -18.63 -3.76 -12.91
CA ARG C 73 -18.37 -4.35 -14.21
C ARG C 73 -18.01 -3.20 -15.12
N GLU C 74 -16.73 -2.84 -15.08
CA GLU C 74 -16.19 -1.70 -15.77
C GLU C 74 -14.69 -1.76 -15.67
N GLN C 75 -13.97 -0.95 -16.44
CA GLN C 75 -12.53 -0.96 -16.37
C GLN C 75 -12.05 -0.14 -15.20
N GLU C 77 -8.39 0.66 -12.53
CA GLU C 77 -7.01 0.47 -12.19
C GLU C 77 -6.87 0.14 -10.70
N ILE C 78 -6.13 -0.91 -10.35
CA ILE C 78 -5.84 -1.19 -8.98
C ILE C 78 -4.74 -0.26 -8.52
N SER C 79 -5.07 0.74 -7.68
CA SER C 79 -4.01 1.63 -7.21
C SER C 79 -3.23 1.01 -6.08
N ASN C 80 -3.86 0.11 -5.34
CA ASN C 80 -3.16 -0.63 -4.33
C ASN C 80 -3.98 -1.85 -3.96
N LEU C 81 -3.33 -3.00 -3.91
CA LEU C 81 -3.91 -4.20 -3.28
C LEU C 81 -2.97 -4.48 -2.12
N THR C 82 -3.51 -4.55 -0.89
N THR C 82 -3.51 -4.58 -0.92
N THR C 82 -3.51 -4.73 -0.96
CA THR C 82 -2.77 -4.76 0.39
CA THR C 82 -2.76 -4.89 0.30
CA THR C 82 -2.63 -5.07 0.10
C THR C 82 -3.37 -5.96 1.13
C THR C 82 -3.39 -6.09 0.96
C THR C 82 -3.33 -5.97 1.09
N GLY C 83 -2.57 -6.97 1.50
CA GLY C 83 -3.10 -8.05 2.25
C GLY C 83 -2.07 -8.89 2.89
N ASN C 84 -2.59 -9.92 3.54
CA ASN C 84 -1.74 -10.81 4.29
C ASN C 84 -2.14 -12.25 4.10
N ILE C 85 -1.20 -13.12 4.45
CA ILE C 85 -1.31 -14.57 4.31
C ILE C 85 -1.12 -15.16 5.70
N SER C 86 -1.95 -16.14 6.02
CA SER C 86 -1.89 -16.86 7.28
C SER C 86 -2.53 -18.21 7.02
N SER C 87 -2.85 -18.97 8.06
CA SER C 87 -3.53 -20.22 7.83
C SER C 87 -4.56 -20.48 8.89
N ASN C 89 -6.18 -24.24 10.15
CA ASN C 89 -6.16 -25.70 9.97
C ASN C 89 -5.29 -26.09 8.81
N GLU C 90 -4.13 -25.44 8.72
CA GLU C 90 -3.15 -25.62 7.63
C GLU C 90 -3.59 -25.12 6.25
N GLN C 91 -4.78 -24.54 6.13
CA GLN C 91 -5.25 -24.08 4.85
C GLN C 91 -4.90 -22.61 4.70
N VAL C 92 -4.38 -22.26 3.53
N VAL C 92 -4.38 -22.23 3.53
CA VAL C 92 -4.07 -20.86 3.15
CA VAL C 92 -3.98 -20.86 3.31
C VAL C 92 -5.26 -19.97 3.51
C VAL C 92 -5.19 -19.91 3.39
N TYR C 93 -4.99 -18.83 4.13
CA TYR C 93 -6.02 -17.85 4.43
C TYR C 93 -5.49 -16.53 3.95
N LEU C 94 -6.17 -15.93 2.97
N LEU C 94 -6.12 -15.93 2.95
CA LEU C 94 -5.84 -14.61 2.49
CA LEU C 94 -5.71 -14.62 2.42
C LEU C 94 -6.82 -13.61 3.04
C LEU C 94 -6.74 -13.54 2.77
N HIS C 95 -6.28 -12.46 3.44
CA HIS C 95 -7.09 -11.32 3.83
C HIS C 95 -6.57 -10.16 2.98
N LEU C 96 -7.36 -9.76 2.00
CA LEU C 96 -6.93 -8.79 0.99
C LEU C 96 -7.90 -7.62 0.92
N HIS C 97 -7.36 -6.42 0.96
CA HIS C 97 -8.13 -5.21 0.73
C HIS C 97 -7.59 -4.55 -0.53
N ILE C 98 -8.35 -3.60 -1.05
CA ILE C 98 -8.01 -3.03 -2.33
C ILE C 98 -8.54 -1.63 -2.46
N THR C 99 -7.81 -0.83 -3.23
CA THR C 99 -8.22 0.50 -3.64
C THR C 99 -8.13 0.51 -5.15
N VAL C 100 -9.18 0.96 -5.83
CA VAL C 100 -9.16 1.05 -7.28
C VAL C 100 -9.62 2.42 -7.75
N GLY C 101 -9.19 2.78 -8.95
CA GLY C 101 -9.69 3.96 -9.63
C GLY C 101 -10.57 3.63 -10.80
N ARG C 102 -11.66 4.35 -10.94
CA ARG C 102 -12.56 4.17 -12.06
C ARG C 102 -12.09 5.03 -13.21
N SER C 103 -12.83 5.05 -14.33
CA SER C 103 -12.46 5.81 -15.50
C SER C 103 -12.51 7.31 -15.29
N ASP C 104 -13.23 7.75 -14.26
CA ASP C 104 -13.26 9.16 -13.90
C ASP C 104 -12.27 9.49 -12.76
N TYR C 105 -11.42 8.53 -12.44
CA TYR C 105 -10.40 8.64 -11.39
C TYR C 105 -10.94 8.63 -9.98
N SER C 106 -12.25 8.55 -9.79
CA SER C 106 -12.77 8.38 -8.46
C SER C 106 -12.34 7.02 -7.91
N ALA C 107 -12.09 6.98 -6.61
CA ALA C 107 -11.62 5.76 -5.97
C ALA C 107 -12.71 4.98 -5.25
N LEU C 108 -12.62 3.65 -5.33
CA LEU C 108 -13.42 2.74 -4.56
C LEU C 108 -12.47 1.95 -3.69
N ALA C 109 -12.93 1.49 -2.53
CA ALA C 109 -12.04 0.80 -1.61
C ALA C 109 -12.80 -0.14 -0.71
N GLY C 110 -12.16 -1.25 -0.35
CA GLY C 110 -12.74 -2.15 0.60
C GLY C 110 -12.07 -3.51 0.67
N HIS C 111 -12.81 -4.44 1.27
CA HIS C 111 -12.41 -5.83 1.37
C HIS C 111 -12.64 -6.52 0.04
N LEU C 112 -11.56 -7.07 -0.53
CA LEU C 112 -11.59 -7.68 -1.82
C LEU C 112 -12.05 -9.13 -1.75
N LEU C 113 -13.08 -9.44 -2.53
CA LEU C 113 -13.48 -10.84 -2.72
C LEU C 113 -12.99 -11.45 -4.03
N SER C 114 -13.05 -10.67 -5.11
N SER C 114 -13.05 -10.65 -5.10
CA SER C 114 -12.60 -11.13 -6.41
CA SER C 114 -12.76 -11.12 -6.45
C SER C 114 -12.35 -9.94 -7.33
C SER C 114 -12.43 -9.95 -7.36
N ALA C 115 -11.56 -10.17 -8.37
CA ALA C 115 -11.33 -9.18 -9.39
C ALA C 115 -10.76 -9.89 -10.60
N ILE C 116 -11.25 -9.53 -11.79
CA ILE C 116 -10.82 -10.15 -13.02
C ILE C 116 -9.85 -9.22 -13.76
N GLN C 117 -8.63 -9.68 -13.94
CA GLN C 117 -7.60 -8.87 -14.56
C GLN C 117 -7.97 -8.54 -16.03
N ASN C 118 -7.69 -7.32 -16.42
CA ASN C 118 -7.85 -6.87 -17.80
C ASN C 118 -6.74 -5.87 -18.06
N GLY C 119 -5.56 -6.41 -18.27
CA GLY C 119 -4.34 -5.63 -18.43
C GLY C 119 -3.25 -6.38 -17.72
N ALA C 120 -2.45 -5.65 -16.94
CA ALA C 120 -1.37 -6.22 -16.13
C ALA C 120 -1.81 -6.56 -14.70
N GLY C 121 -0.99 -7.36 -14.01
CA GLY C 121 -1.24 -7.75 -12.63
C GLY C 121 0.10 -8.09 -12.02
N GLU C 122 0.63 -7.17 -11.24
CA GLU C 122 2.00 -7.19 -10.78
C GLU C 122 2.01 -7.14 -9.26
N PHE C 123 2.32 -8.27 -8.63
CA PHE C 123 2.22 -8.42 -7.21
C PHE C 123 3.50 -8.92 -6.61
N VAL C 124 3.80 -8.46 -5.40
CA VAL C 124 4.93 -8.94 -4.62
C VAL C 124 4.35 -9.75 -3.47
N VAL C 125 4.75 -11.01 -3.40
CA VAL C 125 4.35 -11.90 -2.32
C VAL C 125 5.59 -12.16 -1.48
N GLU C 126 5.59 -11.67 -0.25
CA GLU C 126 6.69 -11.92 0.68
C GLU C 126 6.30 -13.12 1.50
N ASP C 127 7.23 -14.08 1.58
CA ASP C 127 7.07 -15.30 2.34
C ASP C 127 7.80 -15.15 3.67
N TYR C 128 7.08 -15.17 4.77
CA TYR C 128 7.68 -15.09 6.10
C TYR C 128 8.24 -16.40 6.62
N SER C 129 7.90 -17.54 5.99
CA SER C 129 8.42 -18.84 6.43
C SER C 129 8.11 -19.17 7.87
N GLU C 130 7.03 -18.60 8.37
N GLU C 130 6.91 -18.84 8.35
CA GLU C 130 6.65 -18.66 9.75
CA GLU C 130 6.45 -19.19 9.72
C GLU C 130 5.18 -18.83 9.73
C GLU C 130 4.92 -19.41 9.83
N ARG C 131 4.74 -19.82 10.52
N ARG C 131 4.49 -20.37 10.65
CA ARG C 131 3.33 -20.18 10.64
CA ARG C 131 3.06 -20.55 10.88
C ARG C 131 2.62 -19.10 11.44
C ARG C 131 2.50 -19.31 11.55
N ILE C 132 1.44 -18.71 10.98
CA ILE C 132 0.61 -17.70 11.66
C ILE C 132 -0.82 -18.15 11.49
N SER C 133 -1.53 -18.35 12.60
CA SER C 133 -2.89 -18.85 12.58
C SER C 133 -3.91 -17.83 13.02
N ARG C 134 -5.17 -18.14 12.75
CA ARG C 134 -6.31 -17.32 13.16
C ARG C 134 -7.27 -18.18 13.91
N THR C 135 -8.11 -17.55 14.71
CA THR C 135 -9.17 -18.25 15.44
C THR C 135 -10.45 -17.49 15.20
N TYR C 136 -11.53 -18.21 14.89
CA TYR C 136 -12.81 -17.60 14.70
C TYR C 136 -13.30 -17.02 16.03
N ASN C 137 -13.74 -15.76 16.00
CA ASN C 137 -14.33 -15.09 17.14
C ASN C 137 -15.83 -15.10 16.89
N PRO C 138 -16.58 -15.93 17.64
CA PRO C 138 -18.02 -16.02 17.40
C PRO C 138 -18.81 -14.75 17.73
N ASP C 139 -18.31 -13.94 18.66
N ASP C 139 -18.34 -13.94 18.68
CA ASP C 139 -18.94 -12.67 19.01
CA ASP C 139 -19.00 -12.67 18.96
C ASP C 139 -18.89 -11.67 17.85
C ASP C 139 -18.94 -11.77 17.75
N LEU C 140 -17.76 -11.67 17.15
CA LEU C 140 -17.56 -10.81 15.99
C LEU C 140 -18.00 -11.42 14.67
N GLY C 141 -17.94 -12.73 14.56
CA GLY C 141 -18.15 -13.40 13.28
C GLY C 141 -16.97 -13.22 12.34
N LEU C 142 -15.77 -13.05 12.92
CA LEU C 142 -14.54 -12.83 12.16
C LEU C 142 -13.41 -13.74 12.62
N ASN C 143 -12.51 -14.03 11.70
CA ASN C 143 -11.32 -14.83 11.97
C ASN C 143 -10.17 -13.91 12.29
N ILE C 144 -9.74 -13.92 13.53
CA ILE C 144 -8.82 -12.95 14.05
C ILE C 144 -7.47 -13.63 14.31
N TYR C 145 -6.38 -12.92 14.05
CA TYR C 145 -5.08 -13.45 14.34
C TYR C 145 -4.98 -14.03 15.75
N ASP C 146 -4.30 -15.17 15.87
CA ASP C 146 -4.11 -15.85 17.15
C ASP C 146 -2.69 -16.33 17.17
N PHE C 147 -1.82 -15.52 17.74
CA PHE C 147 -0.39 -15.80 17.64
C PHE C 147 0.10 -16.89 18.59
N GLU C 148 -0.69 -17.18 19.61
CA GLU C 148 -0.34 -18.21 20.58
C GLU C 148 -0.83 -19.61 20.21
N ARG C 149 -1.66 -19.76 19.17
CA ARG C 149 -2.10 -21.11 18.77
C ARG C 149 -1.13 -21.71 17.75
#